data_2V6U
#
_entry.id   2V6U
#
_cell.length_a   120.135
_cell.length_b   120.135
_cell.length_c   49.773
_cell.angle_alpha   90.00
_cell.angle_beta   90.00
_cell.angle_gamma   90.00
#
_symmetry.space_group_name_H-M   'P 43 21 2'
#
loop_
_entity.id
_entity.type
_entity.pdbx_description
1 polymer 'PTERIN-4A-CARBINOLAMINE DEHYDRATASE'
2 non-polymer 'SODIUM ION'
3 water water
#
_entity_poly.entity_id   1
_entity_poly.type   'polypeptide(L)'
_entity_poly.pdbx_seq_one_letter_code
;MAPLARLAANSARLLQLHKTVPQWHLTDGHLSIKRKFQFSDFNEAWGFMSRVALYADKVDHHPNWYNVYNTVDVELSTHD
AAGLTEKDFALAKFMDDAAKNFEK
;
_entity_poly.pdbx_strand_id   A,B
#
# COMPACT_ATOMS: atom_id res chain seq x y z
N MET A 1 -0.52 20.24 -18.47
CA MET A 1 -1.02 19.80 -19.81
C MET A 1 -1.58 18.37 -19.76
N ALA A 2 -2.40 18.10 -18.74
CA ALA A 2 -3.04 16.79 -18.60
C ALA A 2 -3.91 16.51 -19.83
N PRO A 3 -3.71 15.34 -20.48
CA PRO A 3 -4.48 15.00 -21.68
C PRO A 3 -5.95 14.71 -21.44
N LEU A 4 -6.31 14.28 -20.24
CA LEU A 4 -7.70 13.99 -19.91
C LEU A 4 -8.34 15.12 -19.12
N ALA A 5 -9.64 15.30 -19.30
CA ALA A 5 -10.40 16.28 -18.52
C ALA A 5 -10.68 15.72 -17.14
N ARG A 6 -10.48 16.54 -16.11
CA ARG A 6 -10.84 16.16 -14.75
C ARG A 6 -12.22 16.72 -14.43
N LEU A 7 -12.89 16.09 -13.47
CA LEU A 7 -14.12 16.65 -12.92
C LEU A 7 -13.79 17.94 -12.17
N ALA A 8 -14.50 19.02 -12.47
CA ALA A 8 -14.23 20.29 -11.82
C ALA A 8 -14.64 20.26 -10.35
N ALA A 9 -13.90 20.97 -9.52
CA ALA A 9 -14.24 21.04 -8.10
C ALA A 9 -15.69 21.51 -7.95
N ASN A 10 -16.41 20.80 -7.08
CA ASN A 10 -17.81 21.11 -6.80
C ASN A 10 -18.78 20.97 -7.97
N SER A 11 -18.33 20.38 -9.07
CA SER A 11 -19.24 20.19 -10.20
C SER A 11 -20.40 19.29 -9.77
N ALA A 12 -21.58 19.53 -10.36
CA ALA A 12 -22.76 18.72 -10.07
C ALA A 12 -22.45 17.22 -10.24
N ARG A 13 -21.72 16.87 -11.30
CA ARG A 13 -21.39 15.46 -11.55
C ARG A 13 -20.45 14.89 -10.48
N LEU A 14 -19.43 15.65 -10.10
CA LEU A 14 -18.54 15.22 -9.04
C LEU A 14 -19.32 14.96 -7.75
N LEU A 15 -20.23 15.89 -7.40
CA LEU A 15 -21.04 15.72 -6.19
C LEU A 15 -22.00 14.53 -6.29
N GLN A 16 -22.56 14.31 -7.48
CA GLN A 16 -23.43 13.16 -7.74
C GLN A 16 -22.68 11.85 -7.51
N LEU A 17 -21.43 11.79 -7.94
CA LEU A 17 -20.59 10.60 -7.73
C LEU A 17 -20.17 10.48 -6.27
N HIS A 18 -19.81 11.59 -5.63
CA HIS A 18 -19.39 11.54 -4.24
C HIS A 18 -20.49 11.03 -3.31
N LYS A 19 -21.74 11.34 -3.63
CA LYS A 19 -22.90 10.86 -2.88
C LYS A 19 -22.93 9.33 -2.79
N THR A 20 -22.38 8.66 -3.81
CA THR A 20 -22.37 7.20 -3.86
C THR A 20 -21.28 6.57 -3.01
N VAL A 21 -20.32 7.38 -2.59
CA VAL A 21 -19.18 6.91 -1.78
C VAL A 21 -18.94 7.85 -0.58
N PRO A 22 -19.96 7.99 0.28
CA PRO A 22 -19.97 9.06 1.29
C PRO A 22 -18.90 8.97 2.38
N GLN A 23 -18.31 7.79 2.56
N GLN A 23 -18.31 7.79 2.56
CA GLN A 23 -17.25 7.60 3.55
CA GLN A 23 -17.24 7.60 3.54
C GLN A 23 -15.89 8.08 3.04
N TRP A 24 -15.82 8.47 1.77
CA TRP A 24 -14.59 9.04 1.21
C TRP A 24 -14.59 10.54 1.41
N HIS A 25 -13.39 11.10 1.56
CA HIS A 25 -13.17 12.52 1.79
C HIS A 25 -12.57 13.16 0.54
N LEU A 26 -13.15 14.27 0.10
CA LEU A 26 -12.57 15.06 -0.99
C LEU A 26 -11.43 15.89 -0.43
N THR A 27 -10.30 15.88 -1.13
CA THR A 27 -9.13 16.66 -0.70
C THR A 27 -9.19 18.08 -1.26
N ASP A 28 -8.22 18.92 -0.91
CA ASP A 28 -8.19 20.31 -1.35
C ASP A 28 -8.26 20.40 -2.87
N GLY A 29 -9.11 21.30 -3.36
CA GLY A 29 -9.29 21.51 -4.80
C GLY A 29 -10.07 20.38 -5.45
N HIS A 30 -10.56 19.45 -4.63
CA HIS A 30 -11.27 18.26 -5.11
C HIS A 30 -10.46 17.50 -6.15
N LEU A 31 -9.17 17.34 -5.88
CA LEU A 31 -8.26 16.69 -6.82
C LEU A 31 -8.07 15.20 -6.57
N SER A 32 -8.56 14.74 -5.42
CA SER A 32 -8.51 13.32 -5.08
C SER A 32 -9.55 13.00 -4.04
N ILE A 33 -9.78 11.70 -3.83
CA ILE A 33 -10.61 11.24 -2.70
C ILE A 33 -9.79 10.28 -1.84
N LYS A 34 -10.06 10.31 -0.53
CA LYS A 34 -9.32 9.49 0.44
C LYS A 34 -10.26 8.72 1.35
N ARG A 35 -9.85 7.50 1.71
CA ARG A 35 -10.53 6.74 2.75
C ARG A 35 -9.52 5.79 3.39
N LYS A 36 -9.56 5.72 4.71
CA LYS A 36 -8.75 4.75 5.45
C LYS A 36 -9.67 3.63 5.93
N PHE A 37 -9.42 2.44 5.39
CA PHE A 37 -10.18 1.25 5.74
C PHE A 37 -9.54 0.54 6.91
N GLN A 38 -10.37 0.07 7.84
CA GLN A 38 -9.89 -0.65 9.01
C GLN A 38 -10.52 -2.04 9.07
N PHE A 39 -9.68 -3.04 9.33
CA PHE A 39 -10.13 -4.43 9.47
C PHE A 39 -9.68 -5.01 10.80
N SER A 40 -10.10 -6.24 11.09
CA SER A 40 -9.75 -6.88 12.35
CA SER A 40 -9.75 -6.88 12.35
C SER A 40 -8.25 -7.22 12.42
N ASP A 41 -7.72 -7.66 11.29
CA ASP A 41 -6.33 -8.12 11.22
C ASP A 41 -5.85 -7.99 9.79
N PHE A 42 -4.62 -8.42 9.54
CA PHE A 42 -4.03 -8.37 8.20
C PHE A 42 -4.71 -9.37 7.27
N ASN A 43 -5.06 -10.54 7.81
CA ASN A 43 -5.72 -11.55 6.98
C ASN A 43 -6.97 -10.96 6.31
N GLU A 44 -7.81 -10.27 7.10
CA GLU A 44 -8.97 -9.59 6.51
C GLU A 44 -8.57 -8.49 5.52
N ALA A 45 -7.62 -7.64 5.92
CA ALA A 45 -7.16 -6.56 5.04
C ALA A 45 -6.67 -7.10 3.71
N TRP A 46 -5.95 -8.22 3.74
CA TRP A 46 -5.41 -8.83 2.52
CA TRP A 46 -5.43 -8.79 2.52
C TRP A 46 -6.54 -9.39 1.64
N GLY A 47 -7.54 -10.02 2.27
CA GLY A 47 -8.69 -10.50 1.50
C GLY A 47 -9.39 -9.34 0.76
N PHE A 48 -9.52 -8.21 1.45
CA PHE A 48 -10.07 -7.00 0.85
C PHE A 48 -9.19 -6.52 -0.31
N MET A 49 -7.90 -6.33 -0.03
CA MET A 49 -6.97 -5.86 -1.06
C MET A 49 -6.94 -6.77 -2.28
N SER A 50 -7.05 -8.08 -2.06
CA SER A 50 -6.99 -9.05 -3.14
CA SER A 50 -6.98 -9.06 -3.15
C SER A 50 -8.11 -8.85 -4.17
N ARG A 51 -9.32 -8.59 -3.68
CA ARG A 51 -10.44 -8.32 -4.57
C ARG A 51 -10.23 -7.01 -5.33
N VAL A 52 -9.73 -6.01 -4.62
CA VAL A 52 -9.48 -4.71 -5.24
C VAL A 52 -8.39 -4.81 -6.32
N ALA A 53 -7.35 -5.59 -6.05
CA ALA A 53 -6.28 -5.79 -7.04
C ALA A 53 -6.83 -6.37 -8.35
N LEU A 54 -7.69 -7.38 -8.24
CA LEU A 54 -8.29 -7.97 -9.44
C LEU A 54 -9.10 -6.94 -10.22
N TYR A 55 -9.88 -6.13 -9.50
CA TYR A 55 -10.69 -5.11 -10.14
C TYR A 55 -9.78 -4.07 -10.81
N ALA A 56 -8.78 -3.61 -10.07
CA ALA A 56 -7.89 -2.56 -10.56
C ALA A 56 -7.18 -2.95 -11.85
N ASP A 57 -6.69 -4.19 -11.94
CA ASP A 57 -6.00 -4.55 -13.17
C ASP A 57 -6.98 -4.83 -14.31
N LYS A 58 -8.21 -5.20 -13.98
CA LYS A 58 -9.24 -5.39 -15.01
C LYS A 58 -9.59 -4.07 -15.70
N VAL A 59 -9.76 -3.02 -14.91
CA VAL A 59 -10.14 -1.70 -15.45
C VAL A 59 -8.94 -0.80 -15.71
N ASP A 60 -7.75 -1.29 -15.37
CA ASP A 60 -6.49 -0.54 -15.55
C ASP A 60 -6.54 0.81 -14.84
N HIS A 61 -6.99 0.78 -13.60
CA HIS A 61 -7.06 1.97 -12.77
C HIS A 61 -6.73 1.58 -11.35
N HIS A 62 -5.61 2.09 -10.84
CA HIS A 62 -5.00 1.53 -9.63
C HIS A 62 -5.03 2.48 -8.44
N PRO A 63 -5.23 1.92 -7.23
CA PRO A 63 -5.22 2.76 -6.03
C PRO A 63 -3.82 3.17 -5.61
N ASN A 64 -3.71 4.33 -4.96
CA ASN A 64 -2.49 4.65 -4.21
C ASN A 64 -2.80 4.24 -2.79
N TRP A 65 -2.27 3.10 -2.36
CA TRP A 65 -2.65 2.57 -1.06
C TRP A 65 -1.50 2.17 -0.17
N TYR A 66 -1.67 2.44 1.13
CA TYR A 66 -0.66 2.20 2.14
C TYR A 66 -1.25 1.24 3.16
N ASN A 67 -0.72 0.02 3.20
CA ASN A 67 -1.20 -0.98 4.14
C ASN A 67 -0.22 -1.14 5.29
N VAL A 68 -0.76 -1.09 6.52
CA VAL A 68 -0.01 -1.38 7.73
C VAL A 68 -0.88 -2.33 8.54
N TYR A 69 -0.54 -3.62 8.51
CA TYR A 69 -1.28 -4.65 9.23
C TYR A 69 -2.76 -4.61 8.85
N ASN A 70 -3.62 -4.12 9.75
CA ASN A 70 -5.07 -4.20 9.54
C ASN A 70 -5.68 -2.95 8.92
N THR A 71 -4.86 -1.97 8.55
CA THR A 71 -5.39 -0.75 7.94
C THR A 71 -4.92 -0.58 6.50
N VAL A 72 -5.78 0.02 5.67
CA VAL A 72 -5.44 0.30 4.27
C VAL A 72 -5.85 1.74 4.01
N ASP A 73 -4.85 2.61 3.88
CA ASP A 73 -5.05 4.05 3.68
C ASP A 73 -4.98 4.33 2.19
N VAL A 74 -6.07 4.82 1.62
CA VAL A 74 -6.20 4.90 0.16
C VAL A 74 -6.44 6.33 -0.31
N GLU A 75 -5.76 6.71 -1.39
CA GLU A 75 -6.02 7.97 -2.09
C GLU A 75 -6.19 7.65 -3.57
N LEU A 76 -7.29 8.15 -4.15
CA LEU A 76 -7.56 7.91 -5.57
C LEU A 76 -7.60 9.21 -6.36
N SER A 77 -6.91 9.18 -7.50
CA SER A 77 -6.96 10.25 -8.50
C SER A 77 -6.47 9.71 -9.83
N THR A 78 -6.73 10.44 -10.90
CA THR A 78 -6.31 10.04 -12.24
C THR A 78 -5.14 10.92 -12.67
N HIS A 79 -3.92 10.36 -12.71
CA HIS A 79 -2.74 11.15 -13.06
C HIS A 79 -2.89 11.90 -14.38
N ASP A 80 -3.41 11.20 -15.40
CA ASP A 80 -3.55 11.78 -16.74
C ASP A 80 -4.63 12.86 -16.84
N ALA A 81 -5.39 13.06 -15.77
CA ALA A 81 -6.35 14.16 -15.68
C ALA A 81 -5.93 15.22 -14.67
N ALA A 82 -4.86 14.94 -13.93
CA ALA A 82 -4.43 15.79 -12.80
C ALA A 82 -5.59 16.08 -11.83
N GLY A 83 -6.39 15.04 -11.57
CA GLY A 83 -7.56 15.22 -10.70
C GLY A 83 -8.47 14.03 -10.79
N LEU A 84 -9.73 14.23 -10.41
CA LEU A 84 -10.68 13.12 -10.35
C LEU A 84 -11.38 12.88 -11.67
N THR A 85 -11.64 11.61 -11.97
CA THR A 85 -12.50 11.23 -13.07
C THR A 85 -13.51 10.18 -12.60
N GLU A 86 -14.44 9.83 -13.50
CA GLU A 86 -15.43 8.78 -13.23
C GLU A 86 -14.78 7.50 -12.73
N LYS A 87 -13.60 7.18 -13.27
CA LYS A 87 -12.90 5.94 -12.90
C LYS A 87 -12.52 5.90 -11.42
N ASP A 88 -12.19 7.06 -10.84
CA ASP A 88 -11.83 7.10 -9.41
C ASP A 88 -13.03 6.73 -8.55
N PHE A 89 -14.19 7.29 -8.90
CA PHE A 89 -15.41 7.01 -8.15
C PHE A 89 -15.90 5.58 -8.32
N ALA A 90 -15.71 5.02 -9.51
CA ALA A 90 -16.05 3.62 -9.75
C ALA A 90 -15.17 2.71 -8.92
N LEU A 91 -13.87 3.05 -8.82
CA LEU A 91 -12.95 2.27 -8.00
C LEU A 91 -13.32 2.39 -6.52
N ALA A 92 -13.59 3.60 -6.06
CA ALA A 92 -14.02 3.82 -4.68
C ALA A 92 -15.25 2.97 -4.34
N LYS A 93 -16.22 2.94 -5.24
CA LYS A 93 -17.44 2.16 -5.03
C LYS A 93 -17.14 0.67 -4.92
N PHE A 94 -16.30 0.16 -5.81
CA PHE A 94 -15.92 -1.25 -5.74
C PHE A 94 -15.27 -1.55 -4.39
N MET A 95 -14.39 -0.66 -3.96
CA MET A 95 -13.66 -0.84 -2.70
C MET A 95 -14.62 -0.82 -1.52
N ASP A 96 -15.57 0.13 -1.54
CA ASP A 96 -16.59 0.19 -0.49
C ASP A 96 -17.36 -1.12 -0.39
N ASP A 97 -17.73 -1.66 -1.55
CA ASP A 97 -18.54 -2.87 -1.59
C ASP A 97 -17.75 -4.08 -1.12
N ALA A 98 -16.45 -4.10 -1.43
CA ALA A 98 -15.60 -5.19 -0.99
C ALA A 98 -15.36 -5.13 0.52
N ALA A 99 -15.29 -3.91 1.07
CA ALA A 99 -15.07 -3.73 2.50
C ALA A 99 -16.30 -4.06 3.34
N LYS A 100 -17.48 -3.88 2.75
CA LYS A 100 -18.75 -4.12 3.44
C LYS A 100 -18.88 -5.55 3.93
N ASN A 101 -18.22 -6.48 3.23
CA ASN A 101 -18.22 -7.89 3.61
C ASN A 101 -17.59 -8.16 4.98
N PHE A 102 -16.85 -7.17 5.49
CA PHE A 102 -16.11 -7.32 6.75
C PHE A 102 -16.74 -6.59 7.94
N GLU A 103 -17.74 -5.76 7.67
CA GLU A 103 -18.49 -5.11 8.74
C GLU A 103 -19.75 -5.90 9.09
N ALA B 5 14.85 -8.62 20.92
CA ALA B 5 15.36 -7.34 21.50
C ALA B 5 15.54 -6.26 20.44
N ARG B 6 15.30 -5.02 20.84
CA ARG B 6 15.50 -3.86 19.98
C ARG B 6 16.98 -3.71 19.66
N LEU B 7 17.28 -3.55 18.37
CA LEU B 7 18.66 -3.34 17.94
C LEU B 7 19.04 -1.86 18.05
N ALA B 8 20.08 -1.58 18.83
CA ALA B 8 20.52 -0.19 19.00
C ALA B 8 21.15 0.33 17.72
N ALA B 9 20.99 1.64 17.48
CA ALA B 9 21.62 2.28 16.33
C ALA B 9 23.12 1.94 16.30
N ASN B 10 23.59 1.55 15.12
CA ASN B 10 25.00 1.23 14.88
C ASN B 10 25.53 0.03 15.68
N SER B 11 24.64 -0.77 16.26
CA SER B 11 25.08 -1.92 17.04
C SER B 11 25.69 -2.98 16.11
N ALA B 12 26.60 -3.79 16.67
CA ALA B 12 27.30 -4.79 15.86
C ALA B 12 26.33 -5.71 15.13
N ARG B 13 25.29 -6.15 15.83
CA ARG B 13 24.30 -7.07 15.25
C ARG B 13 23.52 -6.39 14.12
N LEU B 14 23.14 -5.13 14.33
CA LEU B 14 22.42 -4.37 13.30
C LEU B 14 23.26 -4.24 12.04
N LEU B 15 24.53 -3.85 12.21
CA LEU B 15 25.42 -3.67 11.07
C LEU B 15 25.66 -4.97 10.33
N GLN B 16 25.76 -6.06 11.08
CA GLN B 16 25.93 -7.40 10.50
C GLN B 16 24.71 -7.80 9.70
N LEU B 17 23.54 -7.57 10.26
CA LEU B 17 22.29 -7.91 9.57
C LEU B 17 22.09 -7.07 8.32
N HIS B 18 22.48 -5.78 8.40
CA HIS B 18 22.29 -4.90 7.26
C HIS B 18 23.09 -5.36 6.03
N LYS B 19 24.24 -5.97 6.26
CA LYS B 19 25.05 -6.51 5.16
C LYS B 19 24.32 -7.61 4.36
N THR B 20 23.34 -8.26 4.97
CA THR B 20 22.57 -9.32 4.29
C THR B 20 21.49 -8.77 3.38
N VAL B 21 21.17 -7.50 3.59
CA VAL B 21 20.13 -6.81 2.81
C VAL B 21 20.62 -5.44 2.34
N PRO B 22 21.68 -5.43 1.50
CA PRO B 22 22.41 -4.19 1.21
C PRO B 22 21.64 -3.13 0.41
N GLN B 23 20.56 -3.54 -0.25
CA GLN B 23 19.75 -2.59 -1.04
C GLN B 23 18.76 -1.81 -0.17
N TRP B 24 18.72 -2.12 1.12
CA TRP B 24 17.86 -1.40 2.07
C TRP B 24 18.64 -0.26 2.68
N HIS B 25 17.95 0.82 3.03
CA HIS B 25 18.62 1.90 3.75
C HIS B 25 18.09 2.12 5.16
N LEU B 26 19.03 2.38 6.07
CA LEU B 26 18.71 2.70 7.44
C LEU B 26 18.20 4.13 7.51
N THR B 27 17.15 4.35 8.29
CA THR B 27 16.59 5.68 8.46
C THR B 27 17.19 6.34 9.70
N ASP B 28 16.80 7.60 9.92
CA ASP B 28 17.25 8.35 11.10
C ASP B 28 17.03 7.55 12.38
N GLY B 29 18.02 7.61 13.27
CA GLY B 29 17.97 6.88 14.53
C GLY B 29 18.06 5.37 14.39
N HIS B 30 18.28 4.91 13.15
CA HIS B 30 18.16 3.49 12.81
C HIS B 30 16.86 2.90 13.34
N LEU B 31 15.78 3.65 13.16
CA LEU B 31 14.47 3.25 13.65
C LEU B 31 13.74 2.30 12.70
N SER B 32 14.19 2.27 11.44
CA SER B 32 13.57 1.43 10.42
C SER B 32 14.53 1.23 9.25
N ILE B 33 14.16 0.33 8.34
CA ILE B 33 14.87 0.18 7.07
C ILE B 33 13.88 0.36 5.92
N LYS B 34 14.36 0.88 4.80
CA LYS B 34 13.49 1.19 3.67
C LYS B 34 14.07 0.66 2.38
N ARG B 35 13.19 0.20 1.49
CA ARG B 35 13.54 -0.09 0.11
C ARG B 35 12.31 0.13 -0.76
N LYS B 36 12.52 0.74 -1.92
CA LYS B 36 11.46 0.88 -2.92
C LYS B 36 11.71 -0.12 -4.03
N PHE B 37 10.77 -1.04 -4.19
CA PHE B 37 10.83 -2.06 -5.22
C PHE B 37 10.11 -1.57 -6.48
N GLN B 38 10.68 -1.83 -7.64
CA GLN B 38 10.05 -1.48 -8.90
C GLN B 38 9.92 -2.71 -9.80
N PHE B 39 8.74 -2.86 -10.39
CA PHE B 39 8.46 -3.97 -11.30
C PHE B 39 7.98 -3.45 -12.65
N SER B 40 7.72 -4.35 -13.59
CA SER B 40 7.31 -3.95 -14.93
C SER B 40 5.90 -3.38 -14.96
N ASP B 41 5.01 -3.98 -14.17
CA ASP B 41 3.61 -3.59 -14.12
C ASP B 41 3.01 -3.97 -12.76
N PHE B 42 1.72 -3.72 -12.60
CA PHE B 42 1.02 -4.04 -11.36
C PHE B 42 0.90 -5.55 -11.17
N ASN B 43 0.73 -6.26 -12.27
CA ASN B 43 0.59 -7.72 -12.19
C ASN B 43 1.83 -8.34 -11.49
N GLU B 44 3.02 -7.94 -11.92
CA GLU B 44 4.25 -8.37 -11.25
C GLU B 44 4.32 -7.90 -9.80
N ALA B 45 4.05 -6.61 -9.59
CA ALA B 45 4.09 -6.05 -8.23
C ALA B 45 3.19 -6.83 -7.30
N TRP B 46 1.99 -7.17 -7.79
CA TRP B 46 1.04 -7.92 -6.97
C TRP B 46 1.50 -9.35 -6.72
N GLY B 47 2.11 -9.98 -7.72
CA GLY B 47 2.68 -11.32 -7.52
C GLY B 47 3.74 -11.30 -6.42
N PHE B 48 4.56 -10.25 -6.43
CA PHE B 48 5.56 -10.04 -5.39
C PHE B 48 4.90 -9.87 -4.02
N MET B 49 3.96 -8.93 -3.94
CA MET B 49 3.29 -8.63 -2.67
C MET B 49 2.58 -9.85 -2.12
N SER B 50 2.01 -10.66 -3.01
CA SER B 50 1.28 -11.86 -2.59
C SER B 50 2.17 -12.85 -1.82
N ARG B 51 3.39 -13.06 -2.30
CA ARG B 51 4.32 -13.94 -1.59
C ARG B 51 4.70 -13.35 -0.25
N VAL B 52 4.93 -12.05 -0.23
CA VAL B 52 5.29 -11.37 1.01
C VAL B 52 4.14 -11.43 2.03
N ALA B 53 2.90 -11.30 1.54
CA ALA B 53 1.74 -11.36 2.43
C ALA B 53 1.66 -12.69 3.15
N LEU B 54 1.89 -13.77 2.41
CA LEU B 54 1.90 -15.11 3.03
C LEU B 54 2.97 -15.25 4.09
N TYR B 55 4.15 -14.74 3.78
CA TYR B 55 5.26 -14.81 4.73
C TYR B 55 4.94 -13.98 5.96
N ALA B 56 4.43 -12.76 5.73
CA ALA B 56 4.16 -11.83 6.82
C ALA B 56 3.17 -12.40 7.82
N ASP B 57 2.10 -13.01 7.33
CA ASP B 57 1.14 -13.56 8.27
C ASP B 57 1.61 -14.84 8.93
N LYS B 58 2.50 -15.57 8.26
CA LYS B 58 3.10 -16.77 8.85
C LYS B 58 3.97 -16.43 10.07
N VAL B 59 4.86 -15.45 9.91
CA VAL B 59 5.76 -15.04 11.00
C VAL B 59 5.15 -13.96 11.89
N ASP B 60 3.95 -13.48 11.54
CA ASP B 60 3.26 -12.41 12.27
C ASP B 60 4.10 -11.14 12.37
N HIS B 61 4.65 -10.73 11.24
CA HIS B 61 5.46 -9.52 11.16
C HIS B 61 5.21 -8.88 9.83
N HIS B 62 4.71 -7.63 9.85
CA HIS B 62 4.12 -7.04 8.66
C HIS B 62 4.84 -5.78 8.17
N PRO B 63 4.91 -5.61 6.84
CA PRO B 63 5.53 -4.43 6.24
C PRO B 63 4.63 -3.21 6.31
N ASN B 64 5.24 -2.03 6.41
CA ASN B 64 4.54 -0.78 6.12
C ASN B 64 4.81 -0.51 4.66
N TRP B 65 3.84 -0.78 3.79
CA TRP B 65 4.10 -0.67 2.36
C TRP B 65 3.07 0.13 1.59
N TYR B 66 3.58 0.91 0.65
CA TYR B 66 2.78 1.82 -0.17
C TYR B 66 2.94 1.38 -1.60
N ASN B 67 1.85 0.91 -2.21
CA ASN B 67 1.89 0.44 -3.58
C ASN B 67 1.19 1.43 -4.48
N VAL B 68 1.86 1.78 -5.58
CA VAL B 68 1.27 2.58 -6.65
C VAL B 68 1.63 1.89 -7.95
N TYR B 69 0.65 1.19 -8.53
CA TYR B 69 0.86 0.47 -9.79
C TYR B 69 2.06 -0.47 -9.69
N ASN B 70 3.17 -0.16 -10.35
CA ASN B 70 4.30 -1.09 -10.43
C ASN B 70 5.37 -0.90 -9.35
N THR B 71 5.13 0.00 -8.40
CA THR B 71 6.13 0.27 -7.36
C THR B 71 5.59 -0.09 -5.99
N VAL B 72 6.48 -0.59 -5.12
CA VAL B 72 6.12 -0.94 -3.76
C VAL B 72 7.16 -0.32 -2.84
N ASP B 73 6.76 0.72 -2.11
CA ASP B 73 7.68 1.49 -1.27
C ASP B 73 7.52 0.96 0.16
N VAL B 74 8.59 0.38 0.70
CA VAL B 74 8.49 -0.41 1.92
C VAL B 74 9.34 0.17 3.05
N GLU B 75 8.78 0.21 4.24
CA GLU B 75 9.52 0.60 5.45
C GLU B 75 9.23 -0.47 6.49
N LEU B 76 10.28 -1.04 7.06
CA LEU B 76 10.15 -2.08 8.08
C LEU B 76 10.67 -1.60 9.43
N SER B 77 9.87 -1.85 10.46
CA SER B 77 10.23 -1.64 11.85
C SER B 77 9.32 -2.50 12.71
N THR B 78 9.74 -2.74 13.95
CA THR B 78 8.97 -3.56 14.87
C THR B 78 8.15 -2.64 15.75
N HIS B 79 6.83 -2.70 15.55
CA HIS B 79 5.90 -1.75 16.15
C HIS B 79 6.02 -1.67 17.69
N ASP B 80 6.09 -2.80 18.37
CA ASP B 80 6.18 -2.79 19.83
C ASP B 80 7.60 -2.68 20.38
N ALA B 81 8.58 -2.46 19.50
CA ALA B 81 9.97 -2.30 19.91
C ALA B 81 10.47 -0.86 19.78
N ALA B 82 9.70 -0.01 19.09
CA ALA B 82 10.10 1.37 18.78
C ALA B 82 11.49 1.42 18.14
N GLY B 83 11.69 0.52 17.18
CA GLY B 83 12.94 0.41 16.44
C GLY B 83 12.99 -0.88 15.66
N LEU B 84 14.20 -1.29 15.30
CA LEU B 84 14.45 -2.50 14.52
C LEU B 84 14.69 -3.71 15.39
N THR B 85 14.24 -4.87 14.90
CA THR B 85 14.62 -6.15 15.48
C THR B 85 15.05 -7.13 14.39
N GLU B 86 15.51 -8.32 14.79
CA GLU B 86 15.88 -9.38 13.86
C GLU B 86 14.76 -9.66 12.86
N LYS B 87 13.52 -9.51 13.30
CA LYS B 87 12.36 -9.84 12.45
C LYS B 87 12.29 -8.95 11.21
N ASP B 88 12.68 -7.68 11.37
CA ASP B 88 12.68 -6.73 10.26
C ASP B 88 13.69 -7.16 9.20
N PHE B 89 14.88 -7.54 9.63
CA PHE B 89 15.89 -7.99 8.68
C PHE B 89 15.52 -9.30 8.02
N ALA B 90 14.84 -10.19 8.75
CA ALA B 90 14.38 -11.45 8.17
C ALA B 90 13.31 -11.19 7.10
N LEU B 91 12.41 -10.26 7.38
CA LEU B 91 11.39 -9.87 6.41
C LEU B 91 12.02 -9.23 5.17
N ALA B 92 12.96 -8.31 5.39
CA ALA B 92 13.68 -7.68 4.27
C ALA B 92 14.30 -8.74 3.36
N LYS B 93 14.94 -9.74 3.97
CA LYS B 93 15.61 -10.79 3.19
C LYS B 93 14.60 -11.59 2.36
N PHE B 94 13.46 -11.92 2.96
CA PHE B 94 12.44 -12.64 2.22
C PHE B 94 11.96 -11.80 1.03
N MET B 95 11.75 -10.52 1.27
CA MET B 95 11.29 -9.61 0.22
C MET B 95 12.32 -9.50 -0.91
N ASP B 96 13.59 -9.33 -0.55
CA ASP B 96 14.66 -9.33 -1.55
C ASP B 96 14.62 -10.56 -2.43
N ASP B 97 14.46 -11.73 -1.80
CA ASP B 97 14.46 -13.00 -2.55
C ASP B 97 13.24 -13.12 -3.45
N ALA B 98 12.10 -12.64 -2.96
CA ALA B 98 10.86 -12.66 -3.75
C ALA B 98 10.96 -11.74 -4.97
N ALA B 99 11.63 -10.59 -4.79
CA ALA B 99 11.78 -9.62 -5.87
C ALA B 99 12.75 -10.10 -6.95
N LYS B 100 13.72 -10.93 -6.55
CA LYS B 100 14.75 -11.41 -7.48
C LYS B 100 14.16 -12.23 -8.64
N ASN B 101 12.99 -12.83 -8.41
CA ASN B 101 12.31 -13.60 -9.44
C ASN B 101 11.85 -12.77 -10.64
N PHE B 102 11.83 -11.45 -10.45
CA PHE B 102 11.37 -10.53 -11.49
C PHE B 102 12.51 -9.78 -12.20
N GLU B 103 13.73 -10.03 -11.76
CA GLU B 103 14.92 -9.47 -12.41
C GLU B 103 15.21 -10.11 -13.76
#